data_1BA3
#
_entry.id   1BA3
#
_cell.length_a   119.560
_cell.length_b   119.560
_cell.length_c   95.800
_cell.angle_alpha   90.00
_cell.angle_beta   90.00
_cell.angle_gamma   90.00
#
_symmetry.space_group_name_H-M   'P 41 21 2'
#
loop_
_entity.id
_entity.type
_entity.pdbx_description
1 polymer LUCIFERASE
2 non-polymer TRIBROMOMETHANE
3 water water
#
_entity_poly.entity_id   1
_entity_poly.type   'polypeptide(L)'
_entity_poly.pdbx_seq_one_letter_code
;MEDAKNIKKGPAPFYPLEDGTAGEQLHKAMKRYALVPGTIAFTDAHIEVNITYAEYFEMSVRLAEAMKRYGLNTNHRIVV
CSENSLQFFMPVLGALFIGVAVAPANDIYNERELLNSMNISQPTVVFVSKKGLQKILNVQKKLPIIQKIIIMDSKTDYQG
FQSMYTFVTSHLPPGFNEYDFVPESFDRDKTIALIMNSSGSTGLPKGVALPHRTACVRFSHARDPIFGNQIIPDTAILSV
VPFHHGFGMFTTLGYLICGFRVVLMYRFEEELFLRSLQDYKIQSALLVPTLFSFFAKSTLIDKYDLSNLHEIASGGAPLS
KEVGEAVAKRFHLPGIRQGYGLTETTSAILITPEGDDKPGAVGKVVPFFEAKVVDLDTGKTLGVNQRGELCVRGPMIMSG
YVNNPEATNALIDKDGWLHSGDIAYWDEDEHFFIVDRLKSLIKYKGYQVAPAELESILLQHPNIFDAGVAGLPDDDAGEL
PAAVVVLEHGKTMTEKEIVDYVASQVTTAKKLRGGVVFVDEVPKGLTGKLDARKIREILIKAKKGGKSKL
;
_entity_poly.pdbx_strand_id   A
#
# COMPACT_ATOMS: atom_id res chain seq x y z
N ASP A 3 -18.34 27.35 1.02
CA ASP A 3 -19.27 26.39 0.43
C ASP A 3 -19.71 25.36 1.47
N ALA A 4 -18.75 24.84 2.23
CA ALA A 4 -18.97 23.85 3.29
C ALA A 4 -19.57 22.51 2.84
N LYS A 5 -20.75 22.53 2.24
CA LYS A 5 -21.42 21.33 1.75
C LYS A 5 -20.64 20.64 0.62
N ASN A 6 -19.62 21.32 0.10
CA ASN A 6 -18.77 20.78 -0.96
C ASN A 6 -17.62 19.94 -0.43
N ILE A 7 -17.52 19.85 0.90
CA ILE A 7 -16.47 19.06 1.54
C ILE A 7 -17.15 17.82 2.12
N LYS A 8 -16.74 16.66 1.63
CA LYS A 8 -17.31 15.40 2.09
C LYS A 8 -16.59 14.96 3.36
N LYS A 9 -17.37 14.64 4.38
CA LYS A 9 -16.81 14.22 5.66
C LYS A 9 -17.21 12.79 5.97
N GLY A 10 -16.29 12.05 6.59
CA GLY A 10 -16.60 10.68 6.98
C GLY A 10 -17.52 10.76 8.19
N PRO A 11 -18.38 9.77 8.41
CA PRO A 11 -19.28 9.81 9.56
C PRO A 11 -18.56 9.60 10.89
N ALA A 12 -19.32 9.56 11.96
CA ALA A 12 -18.75 9.33 13.28
C ALA A 12 -18.35 7.84 13.30
N PRO A 13 -17.17 7.53 13.84
CA PRO A 13 -16.72 6.13 13.89
C PRO A 13 -17.60 5.33 14.85
N PHE A 14 -17.70 4.03 14.65
CA PHE A 14 -18.49 3.19 15.52
C PHE A 14 -17.72 3.00 16.82
N TYR A 15 -16.40 2.93 16.69
CA TYR A 15 -15.52 2.75 17.83
C TYR A 15 -14.65 4.00 17.94
N PRO A 16 -14.83 4.77 19.02
CA PRO A 16 -14.05 6.00 19.20
C PRO A 16 -12.56 5.74 19.21
N LEU A 17 -11.80 6.76 18.85
CA LEU A 17 -10.36 6.67 18.86
C LEU A 17 -9.97 6.52 20.33
N GLU A 18 -9.25 5.45 20.65
CA GLU A 18 -8.85 5.20 22.04
C GLU A 18 -7.52 5.82 22.41
N ASP A 19 -7.33 6.09 23.70
CA ASP A 19 -6.09 6.68 24.19
C ASP A 19 -4.96 5.67 24.08
N GLY A 20 -3.74 6.17 24.16
CA GLY A 20 -2.57 5.31 24.11
C GLY A 20 -1.86 5.29 22.77
N THR A 21 -0.61 4.86 22.80
CA THR A 21 0.20 4.74 21.60
C THR A 21 -0.29 3.49 20.86
N ALA A 22 0.16 3.32 19.62
CA ALA A 22 -0.21 2.15 18.82
C ALA A 22 0.30 0.88 19.50
N GLY A 23 1.49 0.96 20.10
CA GLY A 23 2.06 -0.19 20.78
C GLY A 23 1.26 -0.54 22.03
N GLU A 24 0.74 0.46 22.72
CA GLU A 24 -0.06 0.22 23.91
C GLU A 24 -1.40 -0.43 23.56
N GLN A 25 -2.03 0.06 22.50
CA GLN A 25 -3.32 -0.50 22.09
C GLN A 25 -3.13 -1.93 21.58
N LEU A 26 -2.03 -2.16 20.87
CA LEU A 26 -1.73 -3.50 20.36
C LEU A 26 -1.45 -4.44 21.52
N HIS A 27 -0.61 -3.97 22.45
CA HIS A 27 -0.26 -4.76 23.62
C HIS A 27 -1.50 -5.13 24.41
N LYS A 28 -2.37 -4.16 24.64
CA LYS A 28 -3.60 -4.39 25.38
C LYS A 28 -4.47 -5.44 24.72
N ALA A 29 -4.74 -5.26 23.43
CA ALA A 29 -5.57 -6.21 22.70
C ALA A 29 -5.01 -7.62 22.70
N MET A 30 -3.77 -7.76 22.24
CA MET A 30 -3.13 -9.07 22.18
C MET A 30 -3.01 -9.80 23.50
N LYS A 31 -2.85 -9.06 24.60
CA LYS A 31 -2.73 -9.67 25.91
C LYS A 31 -4.01 -10.42 26.29
N ARG A 32 -5.16 -9.81 26.06
CA ARG A 32 -6.42 -10.47 26.39
C ARG A 32 -6.61 -11.73 25.54
N TYR A 33 -6.17 -11.68 24.28
CA TYR A 33 -6.29 -12.84 23.40
C TYR A 33 -5.33 -13.92 23.84
N ALA A 34 -4.14 -13.52 24.26
CA ALA A 34 -3.11 -14.44 24.73
C ALA A 34 -3.59 -15.26 25.92
N LEU A 35 -4.49 -14.67 26.71
CA LEU A 35 -5.04 -15.32 27.90
C LEU A 35 -6.01 -16.46 27.58
N VAL A 36 -6.40 -16.56 26.32
CA VAL A 36 -7.31 -17.62 25.87
C VAL A 36 -6.48 -18.57 25.01
N PRO A 37 -6.04 -19.70 25.58
CA PRO A 37 -5.23 -20.72 24.88
C PRO A 37 -5.89 -21.20 23.59
N GLY A 38 -5.09 -21.32 22.54
CA GLY A 38 -5.62 -21.79 21.27
C GLY A 38 -6.07 -20.73 20.30
N THR A 39 -6.19 -19.47 20.73
CA THR A 39 -6.61 -18.39 19.85
C THR A 39 -5.50 -18.19 18.82
N ILE A 40 -5.82 -18.43 17.54
CA ILE A 40 -4.84 -18.32 16.45
C ILE A 40 -4.62 -16.91 15.89
N ALA A 41 -3.36 -16.48 15.87
CA ALA A 41 -3.00 -15.16 15.37
C ALA A 41 -2.66 -15.21 13.90
N PHE A 42 -1.76 -16.13 13.55
CA PHE A 42 -1.32 -16.31 12.17
C PHE A 42 -1.28 -17.79 11.83
N THR A 43 -1.51 -18.08 10.56
CA THR A 43 -1.45 -19.43 10.03
C THR A 43 -0.71 -19.33 8.70
N ASP A 44 0.36 -20.10 8.55
CA ASP A 44 1.11 -20.11 7.31
C ASP A 44 0.46 -21.18 6.44
N ALA A 45 -0.21 -20.77 5.36
CA ALA A 45 -0.89 -21.71 4.47
C ALA A 45 0.03 -22.72 3.77
N HIS A 46 1.29 -22.34 3.56
CA HIS A 46 2.27 -23.22 2.91
C HIS A 46 2.77 -24.36 3.78
N ILE A 47 3.11 -24.07 5.03
CA ILE A 47 3.60 -25.10 5.94
C ILE A 47 2.53 -25.58 6.91
N GLU A 48 1.38 -24.91 6.87
CA GLU A 48 0.23 -25.25 7.71
C GLU A 48 0.38 -25.05 9.21
N VAL A 49 1.44 -24.34 9.61
CA VAL A 49 1.67 -24.11 11.04
C VAL A 49 0.90 -22.91 11.57
N ASN A 50 0.33 -23.07 12.76
CA ASN A 50 -0.45 -22.03 13.41
C ASN A 50 0.34 -21.50 14.59
N ILE A 51 0.26 -20.19 14.81
CA ILE A 51 0.92 -19.58 15.95
C ILE A 51 -0.16 -18.80 16.68
N THR A 52 -0.31 -19.09 17.96
CA THR A 52 -1.34 -18.47 18.76
C THR A 52 -1.01 -17.07 19.26
N TYR A 53 -2.04 -16.39 19.75
CA TYR A 53 -1.86 -15.05 20.30
C TYR A 53 -0.93 -15.09 21.50
N ALA A 54 -1.03 -16.14 22.32
CA ALA A 54 -0.16 -16.28 23.48
C ALA A 54 1.29 -16.34 23.05
N GLU A 55 1.60 -17.19 22.08
CA GLU A 55 2.96 -17.31 21.58
C GLU A 55 3.42 -15.99 20.99
N TYR A 56 2.56 -15.36 20.19
CA TYR A 56 2.89 -14.11 19.54
C TYR A 56 3.11 -12.95 20.53
N PHE A 57 2.20 -12.82 21.48
CA PHE A 57 2.25 -11.78 22.51
C PHE A 57 3.53 -11.93 23.33
N GLU A 58 3.79 -13.16 23.78
CA GLU A 58 4.97 -13.41 24.59
C GLU A 58 6.28 -13.12 23.85
N MET A 59 6.37 -13.53 22.59
CA MET A 59 7.60 -13.27 21.84
C MET A 59 7.79 -11.80 21.53
N SER A 60 6.69 -11.12 21.20
CA SER A 60 6.75 -9.71 20.87
C SER A 60 7.16 -8.89 22.10
N VAL A 61 6.60 -9.24 23.25
CA VAL A 61 6.91 -8.58 24.51
C VAL A 61 8.38 -8.83 24.87
N ARG A 62 8.85 -10.05 24.62
CA ARG A 62 10.23 -10.39 24.91
C ARG A 62 11.17 -9.62 24.01
N LEU A 63 10.79 -9.42 22.75
CA LEU A 63 11.60 -8.66 21.80
C LEU A 63 11.64 -7.19 22.17
N ALA A 64 10.50 -6.68 22.65
CA ALA A 64 10.41 -5.27 23.07
C ALA A 64 11.38 -5.03 24.21
N GLU A 65 11.31 -5.88 25.23
CA GLU A 65 12.19 -5.75 26.38
C GLU A 65 13.65 -5.94 25.97
N ALA A 66 13.94 -6.97 25.18
CA ALA A 66 15.29 -7.25 24.74
C ALA A 66 15.90 -6.06 23.99
N MET A 67 15.12 -5.45 23.11
CA MET A 67 15.60 -4.30 22.35
C MET A 67 15.81 -3.12 23.30
N LYS A 68 14.90 -2.95 24.25
CA LYS A 68 15.02 -1.88 25.24
C LYS A 68 16.33 -2.04 26.00
N ARG A 69 16.58 -3.25 26.51
CA ARG A 69 17.80 -3.55 27.25
C ARG A 69 19.05 -3.37 26.39
N TYR A 70 18.92 -3.66 25.09
CA TYR A 70 20.02 -3.52 24.15
C TYR A 70 20.41 -2.05 23.96
N GLY A 71 19.46 -1.15 24.15
CA GLY A 71 19.75 0.26 23.99
C GLY A 71 18.91 1.03 22.98
N LEU A 72 17.85 0.43 22.46
CA LEU A 72 17.02 1.12 21.48
C LEU A 72 15.89 1.85 22.17
N ASN A 73 15.58 3.03 21.63
CA ASN A 73 14.52 3.87 22.15
C ASN A 73 14.01 4.70 20.98
N THR A 74 13.18 5.69 21.24
CA THR A 74 12.61 6.54 20.18
C THR A 74 13.60 7.23 19.23
N ASN A 75 14.88 7.19 19.56
CA ASN A 75 15.92 7.80 18.72
C ASN A 75 16.47 6.79 17.72
N HIS A 76 15.89 5.59 17.72
CA HIS A 76 16.35 4.52 16.84
C HIS A 76 15.26 4.00 15.92
N ARG A 77 15.69 3.29 14.89
CA ARG A 77 14.79 2.70 13.92
C ARG A 77 15.33 1.32 13.60
N ILE A 78 14.43 0.41 13.27
CA ILE A 78 14.85 -0.93 12.88
C ILE A 78 14.24 -1.22 11.53
N VAL A 79 14.85 -2.14 10.81
CA VAL A 79 14.34 -2.54 9.51
C VAL A 79 13.92 -3.99 9.60
N VAL A 80 12.79 -4.32 8.99
CA VAL A 80 12.31 -5.70 8.97
C VAL A 80 12.24 -6.04 7.49
N CYS A 81 13.15 -6.89 7.04
CA CYS A 81 13.20 -7.30 5.65
C CYS A 81 12.92 -8.78 5.54
N SER A 82 11.71 -9.12 5.11
CA SER A 82 11.32 -10.50 5.01
C SER A 82 10.08 -10.65 4.16
N GLU A 83 9.93 -11.85 3.59
CA GLU A 83 8.77 -12.19 2.82
C GLU A 83 7.72 -12.41 3.91
N ASN A 84 6.44 -12.46 3.54
CA ASN A 84 5.39 -12.69 4.53
C ASN A 84 5.72 -13.98 5.25
N SER A 85 5.62 -13.97 6.58
CA SER A 85 5.93 -15.14 7.39
C SER A 85 5.26 -15.02 8.74
N LEU A 86 5.37 -16.09 9.51
CA LEU A 86 4.81 -16.12 10.87
C LEU A 86 5.63 -15.23 11.80
N GLN A 87 6.90 -15.01 11.46
CA GLN A 87 7.78 -14.18 12.29
C GLN A 87 7.76 -12.70 11.98
N PHE A 88 7.28 -12.34 10.79
CA PHE A 88 7.25 -10.94 10.34
C PHE A 88 6.87 -9.88 11.38
N PHE A 89 5.70 -10.04 12.00
CA PHE A 89 5.24 -9.06 12.96
C PHE A 89 5.84 -9.09 14.36
N MET A 90 6.65 -10.09 14.67
CA MET A 90 7.26 -10.16 16.00
C MET A 90 8.12 -8.92 16.26
N PRO A 91 9.09 -8.64 15.38
CA PRO A 91 9.91 -7.44 15.63
C PRO A 91 9.12 -6.14 15.47
N VAL A 92 8.11 -6.17 14.60
CA VAL A 92 7.26 -5.01 14.36
C VAL A 92 6.54 -4.60 15.65
N LEU A 93 5.87 -5.57 16.28
CA LEU A 93 5.15 -5.35 17.52
C LEU A 93 6.10 -4.97 18.64
N GLY A 94 7.21 -5.70 18.75
CA GLY A 94 8.19 -5.41 19.78
C GLY A 94 8.65 -3.96 19.75
N ALA A 95 8.94 -3.45 18.55
CA ALA A 95 9.39 -2.07 18.38
C ALA A 95 8.29 -1.07 18.73
N LEU A 96 7.08 -1.34 18.27
CA LEU A 96 5.97 -0.46 18.56
C LEU A 96 5.70 -0.41 20.06
N PHE A 97 5.95 -1.52 20.75
CA PHE A 97 5.77 -1.58 22.21
C PHE A 97 6.71 -0.61 22.92
N ILE A 98 7.91 -0.42 22.39
CA ILE A 98 8.86 0.50 23.01
C ILE A 98 9.10 1.82 22.27
N GLY A 99 8.32 2.10 21.22
CA GLY A 99 8.47 3.35 20.49
C GLY A 99 9.61 3.46 19.51
N VAL A 100 10.13 2.32 19.08
CA VAL A 100 11.20 2.31 18.08
C VAL A 100 10.50 2.28 16.73
N ALA A 101 10.93 3.14 15.80
CA ALA A 101 10.33 3.22 14.46
C ALA A 101 10.66 2.00 13.60
N VAL A 102 9.64 1.43 12.96
CA VAL A 102 9.82 0.25 12.11
C VAL A 102 9.82 0.64 10.63
N ALA A 103 10.86 0.23 9.92
CA ALA A 103 10.97 0.53 8.50
C ALA A 103 11.01 -0.77 7.69
N PRO A 104 9.86 -1.24 7.19
CA PRO A 104 9.72 -2.47 6.39
C PRO A 104 10.39 -2.32 5.02
N ALA A 105 11.37 -3.17 4.72
CA ALA A 105 12.07 -3.10 3.44
C ALA A 105 11.56 -4.17 2.48
N ASN A 106 11.14 -3.75 1.29
CA ASN A 106 10.62 -4.67 0.29
C ASN A 106 11.64 -5.78 0.03
N ASP A 107 11.25 -7.01 0.33
CA ASP A 107 12.11 -8.18 0.17
C ASP A 107 12.52 -8.60 -1.26
N ILE A 108 11.89 -8.03 -2.28
CA ILE A 108 12.27 -8.33 -3.66
C ILE A 108 13.00 -7.13 -4.27
N TYR A 109 13.42 -6.21 -3.40
CA TYR A 109 14.17 -5.05 -3.81
C TYR A 109 15.55 -5.63 -4.17
N ASN A 110 16.15 -5.13 -5.25
CA ASN A 110 17.47 -5.58 -5.60
C ASN A 110 18.35 -4.76 -4.65
N GLU A 111 19.63 -5.12 -4.51
CA GLU A 111 20.50 -4.38 -3.59
C GLU A 111 20.46 -2.86 -3.71
N ARG A 112 20.19 -2.35 -4.91
CA ARG A 112 20.14 -0.90 -5.15
C ARG A 112 18.91 -0.27 -4.48
N GLU A 113 17.74 -0.85 -4.68
CA GLU A 113 16.51 -0.33 -4.08
C GLU A 113 16.56 -0.53 -2.57
N LEU A 114 17.20 -1.62 -2.16
CA LEU A 114 17.35 -1.95 -0.76
C LEU A 114 18.18 -0.87 -0.08
N LEU A 115 19.32 -0.54 -0.68
CA LEU A 115 20.21 0.49 -0.18
C LEU A 115 19.49 1.82 -0.03
N ASN A 116 18.79 2.24 -1.08
CA ASN A 116 18.06 3.49 -1.04
C ASN A 116 17.11 3.57 0.14
N SER A 117 16.33 2.52 0.34
CA SER A 117 15.35 2.48 1.43
C SER A 117 15.98 2.62 2.82
N MET A 118 17.00 1.81 3.06
CA MET A 118 17.68 1.80 4.34
C MET A 118 18.55 3.03 4.53
N ASN A 119 18.94 3.64 3.42
CA ASN A 119 19.76 4.85 3.48
C ASN A 119 18.85 5.93 4.07
N ILE A 120 17.57 5.84 3.76
CA ILE A 120 16.59 6.80 4.27
C ILE A 120 16.22 6.48 5.72
N SER A 121 15.92 5.21 5.98
CA SER A 121 15.52 4.78 7.32
C SER A 121 16.63 4.76 8.37
N GLN A 122 17.89 4.62 7.95
CA GLN A 122 19.03 4.60 8.89
C GLN A 122 18.75 3.78 10.16
N PRO A 123 18.53 2.46 10.00
CA PRO A 123 18.25 1.57 11.13
C PRO A 123 19.50 1.16 11.90
N THR A 124 19.35 1.01 13.21
CA THR A 124 20.46 0.59 14.03
C THR A 124 20.53 -0.93 13.99
N VAL A 125 19.36 -1.56 13.99
CA VAL A 125 19.25 -3.02 13.97
C VAL A 125 18.38 -3.47 12.80
N VAL A 126 18.79 -4.56 12.16
CA VAL A 126 18.05 -5.11 11.04
C VAL A 126 17.63 -6.55 11.30
N PHE A 127 16.32 -6.79 11.19
CA PHE A 127 15.76 -8.13 11.34
C PHE A 127 15.57 -8.60 9.90
N VAL A 128 16.10 -9.76 9.56
CA VAL A 128 15.98 -10.25 8.19
C VAL A 128 15.72 -11.76 8.14
N SER A 129 15.09 -12.22 7.07
CA SER A 129 14.85 -13.65 6.90
C SER A 129 16.16 -14.20 6.32
N LYS A 130 16.38 -15.50 6.47
CA LYS A 130 17.59 -16.13 5.97
C LYS A 130 17.90 -15.77 4.52
N LYS A 131 16.89 -15.80 3.65
CA LYS A 131 17.10 -15.52 2.23
C LYS A 131 17.44 -14.08 1.89
N GLY A 132 17.28 -13.18 2.86
CA GLY A 132 17.61 -11.78 2.64
C GLY A 132 18.95 -11.38 3.25
N LEU A 133 19.62 -12.31 3.92
CA LEU A 133 20.88 -12.05 4.61
C LEU A 133 22.00 -11.48 3.75
N GLN A 134 22.34 -12.14 2.63
CA GLN A 134 23.41 -11.70 1.74
C GLN A 134 23.24 -10.24 1.33
N LYS A 135 22.05 -9.91 0.84
CA LYS A 135 21.74 -8.55 0.41
C LYS A 135 21.94 -7.55 1.54
N ILE A 136 21.40 -7.86 2.72
CA ILE A 136 21.52 -6.98 3.88
C ILE A 136 22.97 -6.80 4.31
N LEU A 137 23.77 -7.85 4.21
CA LEU A 137 25.19 -7.76 4.57
C LEU A 137 25.89 -6.81 3.63
N ASN A 138 25.59 -6.93 2.34
CA ASN A 138 26.19 -6.08 1.34
C ASN A 138 25.79 -4.63 1.60
N VAL A 139 24.55 -4.43 2.03
CA VAL A 139 24.05 -3.11 2.36
C VAL A 139 24.74 -2.57 3.63
N GLN A 140 24.94 -3.44 4.61
CA GLN A 140 25.59 -3.06 5.86
C GLN A 140 26.97 -2.43 5.60
N LYS A 141 27.72 -3.02 4.69
CA LYS A 141 29.03 -2.52 4.32
C LYS A 141 28.98 -1.02 3.98
N LYS A 142 27.85 -0.59 3.40
CA LYS A 142 27.68 0.79 3.00
C LYS A 142 26.97 1.70 4.01
N LEU A 143 26.37 1.10 5.03
CA LEU A 143 25.67 1.86 6.05
C LEU A 143 26.23 1.54 7.43
N PRO A 144 27.17 2.36 7.90
CA PRO A 144 27.80 2.15 9.21
C PRO A 144 26.83 2.18 10.41
N ILE A 145 25.66 2.75 10.25
CA ILE A 145 24.71 2.81 11.35
C ILE A 145 24.14 1.43 11.71
N ILE A 146 24.18 0.50 10.77
CA ILE A 146 23.67 -0.85 11.02
C ILE A 146 24.68 -1.62 11.86
N GLN A 147 24.38 -1.75 13.14
CA GLN A 147 25.26 -2.42 14.08
C GLN A 147 24.95 -3.88 14.34
N LYS A 148 23.70 -4.27 14.17
CA LYS A 148 23.29 -5.63 14.48
C LYS A 148 22.28 -6.19 13.48
N ILE A 149 22.55 -7.41 13.02
CA ILE A 149 21.67 -8.13 12.09
C ILE A 149 21.09 -9.30 12.87
N ILE A 150 19.78 -9.53 12.76
CA ILE A 150 19.11 -10.61 13.48
C ILE A 150 18.26 -11.45 12.52
N ILE A 151 18.46 -12.76 12.57
CA ILE A 151 17.74 -13.70 11.71
C ILE A 151 16.35 -14.01 12.27
N MET A 152 15.32 -13.73 11.47
CA MET A 152 13.93 -13.93 11.87
C MET A 152 13.40 -15.35 11.86
N ASP A 153 13.64 -16.07 10.77
CA ASP A 153 13.12 -17.43 10.62
C ASP A 153 14.08 -18.53 11.01
N SER A 154 14.61 -18.44 12.23
CA SER A 154 15.54 -19.43 12.77
C SER A 154 15.37 -19.47 14.29
N LYS A 155 15.63 -20.63 14.88
CA LYS A 155 15.54 -20.77 16.33
C LYS A 155 16.94 -20.57 16.92
N THR A 156 17.91 -21.31 16.40
CA THR A 156 19.29 -21.21 16.85
C THR A 156 19.97 -20.13 16.02
N ASP A 157 21.24 -19.86 16.31
CA ASP A 157 22.00 -18.88 15.54
C ASP A 157 22.05 -19.38 14.10
N TYR A 158 22.27 -18.46 13.16
CA TYR A 158 22.35 -18.80 11.76
C TYR A 158 23.50 -18.06 11.10
N GLN A 159 24.51 -18.81 10.71
CA GLN A 159 25.69 -18.28 10.04
C GLN A 159 26.39 -17.18 10.84
N GLY A 160 26.55 -17.43 12.14
CA GLY A 160 27.21 -16.48 13.02
C GLY A 160 26.30 -15.36 13.52
N PHE A 161 25.08 -15.29 13.02
CA PHE A 161 24.15 -14.25 13.44
C PHE A 161 23.13 -14.81 14.41
N GLN A 162 22.68 -13.97 15.34
CA GLN A 162 21.70 -14.40 16.31
C GLN A 162 20.33 -14.42 15.70
N SER A 163 19.47 -15.29 16.23
CA SER A 163 18.10 -15.38 15.79
C SER A 163 17.36 -14.44 16.75
N MET A 164 16.07 -14.26 16.55
CA MET A 164 15.31 -13.41 17.45
C MET A 164 15.26 -14.07 18.83
N TYR A 165 15.34 -15.40 18.84
CA TYR A 165 15.31 -16.17 20.07
C TYR A 165 16.58 -16.07 20.89
N THR A 166 17.72 -16.30 20.27
CA THR A 166 18.98 -16.20 21.00
C THR A 166 19.24 -14.74 21.41
N PHE A 167 18.85 -13.80 20.54
CA PHE A 167 19.03 -12.38 20.83
C PHE A 167 18.24 -12.02 22.08
N VAL A 168 17.01 -12.49 22.15
CA VAL A 168 16.15 -12.22 23.29
C VAL A 168 16.84 -12.75 24.58
N THR A 169 17.28 -14.00 24.54
CA THR A 169 17.96 -14.63 25.66
C THR A 169 19.19 -13.85 26.15
N SER A 170 19.90 -13.22 25.22
CA SER A 170 21.09 -12.45 25.55
C SER A 170 20.79 -11.14 26.25
N HIS A 171 19.54 -10.67 26.22
CA HIS A 171 19.26 -9.37 26.84
C HIS A 171 18.16 -9.29 27.87
N LEU A 172 17.30 -10.30 27.95
CA LEU A 172 16.23 -10.27 28.93
C LEU A 172 16.82 -10.38 30.33
N PRO A 173 16.29 -9.59 31.28
CA PRO A 173 16.79 -9.63 32.66
C PRO A 173 16.29 -10.93 33.30
N PRO A 174 17.00 -11.43 34.32
CA PRO A 174 16.53 -12.66 34.96
C PRO A 174 15.14 -12.47 35.57
N GLY A 175 14.33 -13.52 35.52
CA GLY A 175 12.99 -13.46 36.07
C GLY A 175 12.00 -12.62 35.26
N PHE A 176 12.32 -12.36 34.00
CA PHE A 176 11.43 -11.58 33.14
C PHE A 176 10.06 -12.21 33.05
N ASN A 177 9.04 -11.39 33.19
CA ASN A 177 7.67 -11.85 33.12
C ASN A 177 6.97 -11.12 31.98
N GLU A 178 6.64 -11.87 30.93
CA GLU A 178 5.97 -11.34 29.74
C GLU A 178 4.65 -10.63 30.05
N TYR A 179 3.94 -11.13 31.06
CA TYR A 179 2.67 -10.55 31.45
C TYR A 179 2.75 -9.36 32.41
N ASP A 180 3.92 -9.14 33.00
CA ASP A 180 4.11 -8.01 33.91
C ASP A 180 4.65 -6.83 33.10
N PHE A 181 5.18 -7.12 31.92
CA PHE A 181 5.71 -6.10 31.03
C PHE A 181 4.68 -5.02 30.73
N VAL A 182 5.13 -3.77 30.80
CA VAL A 182 4.29 -2.62 30.52
C VAL A 182 4.93 -1.88 29.35
N PRO A 183 4.20 -1.73 28.23
CA PRO A 183 4.76 -1.03 27.07
C PRO A 183 5.05 0.45 27.35
N GLU A 184 6.00 1.02 26.61
CA GLU A 184 6.36 2.41 26.78
C GLU A 184 5.19 3.34 26.45
N SER A 185 5.15 4.48 27.13
CA SER A 185 4.12 5.48 26.91
C SER A 185 4.89 6.63 26.30
N PHE A 186 4.28 7.32 25.35
CA PHE A 186 4.93 8.46 24.68
C PHE A 186 3.94 9.21 23.81
N ASP A 187 4.40 10.31 23.22
CA ASP A 187 3.57 11.15 22.37
C ASP A 187 3.31 10.42 21.05
N ARG A 188 2.06 10.01 20.85
CA ARG A 188 1.65 9.28 19.65
C ARG A 188 1.69 10.15 18.39
N ASP A 189 1.84 11.48 18.56
CA ASP A 189 1.89 12.39 17.41
C ASP A 189 3.29 12.61 16.87
N LYS A 190 4.27 12.69 17.75
CA LYS A 190 5.65 12.91 17.34
C LYS A 190 6.43 11.61 17.17
N THR A 191 6.03 10.56 17.89
CA THR A 191 6.73 9.29 17.80
C THR A 191 6.30 8.50 16.56
N ILE A 192 7.27 8.21 15.70
CA ILE A 192 7.02 7.49 14.45
C ILE A 192 6.89 5.99 14.68
N ALA A 193 5.81 5.44 14.14
CA ALA A 193 5.52 4.02 14.24
C ALA A 193 6.13 3.28 13.06
N LEU A 194 5.77 3.72 11.86
CA LEU A 194 6.23 3.12 10.62
C LEU A 194 6.85 4.10 9.66
N ILE A 195 7.88 3.64 8.97
CA ILE A 195 8.52 4.41 7.91
C ILE A 195 8.37 3.49 6.70
N MET A 196 7.35 3.77 5.88
CA MET A 196 7.03 2.97 4.71
C MET A 196 7.64 3.56 3.44
N ASN A 197 7.89 2.73 2.42
CA ASN A 197 8.45 3.21 1.15
C ASN A 197 7.35 3.51 0.13
N SER A 198 7.45 4.67 -0.49
CA SER A 198 6.46 5.08 -1.50
C SER A 198 6.69 4.33 -2.82
N SER A 201 6.03 6.79 -7.50
CA SER A 201 5.93 7.82 -8.54
C SER A 201 7.25 7.99 -9.33
N THR A 202 7.68 9.23 -9.52
CA THR A 202 8.90 9.54 -10.27
C THR A 202 10.10 9.68 -9.31
N GLY A 203 11.29 9.36 -9.80
CA GLY A 203 12.48 9.47 -8.99
C GLY A 203 12.69 8.23 -8.13
N LEU A 204 13.43 8.36 -7.04
CA LEU A 204 13.68 7.23 -6.15
C LEU A 204 12.61 7.18 -5.07
N PRO A 205 12.31 5.97 -4.55
CA PRO A 205 11.30 5.85 -3.50
C PRO A 205 11.69 6.61 -2.22
N LYS A 206 10.69 7.20 -1.59
CA LYS A 206 10.88 7.98 -0.37
C LYS A 206 10.43 7.23 0.88
N GLY A 207 10.75 7.79 2.04
CA GLY A 207 10.36 7.20 3.32
C GLY A 207 9.21 8.00 3.89
N VAL A 208 8.09 7.34 4.11
CA VAL A 208 6.91 7.98 4.65
C VAL A 208 6.82 7.74 6.16
N ALA A 209 7.01 8.81 6.92
CA ALA A 209 6.96 8.73 8.38
C ALA A 209 5.51 8.77 8.83
N LEU A 210 5.08 7.71 9.51
CA LEU A 210 3.71 7.62 10.00
C LEU A 210 3.72 7.54 11.53
N PRO A 211 3.22 8.60 12.21
CA PRO A 211 3.17 8.65 13.67
C PRO A 211 2.23 7.57 14.21
N HIS A 212 2.43 7.18 15.47
CA HIS A 212 1.61 6.16 16.11
C HIS A 212 0.13 6.49 16.00
N ARG A 213 -0.19 7.77 15.96
CA ARG A 213 -1.56 8.24 15.87
C ARG A 213 -2.29 7.69 14.65
N THR A 214 -1.61 7.60 13.51
CA THR A 214 -2.24 7.11 12.28
C THR A 214 -2.69 5.66 12.43
N ALA A 215 -1.87 4.86 13.10
CA ALA A 215 -2.21 3.46 13.36
C ALA A 215 -3.40 3.43 14.31
N CYS A 216 -3.36 4.27 15.34
CA CYS A 216 -4.46 4.34 16.31
C CYS A 216 -5.78 4.65 15.62
N VAL A 217 -5.76 5.57 14.66
CA VAL A 217 -6.96 5.92 13.91
C VAL A 217 -7.36 4.72 13.03
N ARG A 218 -6.36 4.05 12.48
CA ARG A 218 -6.60 2.87 11.66
C ARG A 218 -7.30 1.76 12.43
N PHE A 219 -6.95 1.62 13.72
CA PHE A 219 -7.56 0.60 14.56
C PHE A 219 -9.05 0.81 14.74
N SER A 220 -9.49 2.06 14.62
CA SER A 220 -10.91 2.38 14.73
C SER A 220 -11.60 1.86 13.47
N HIS A 221 -10.99 2.14 12.32
CA HIS A 221 -11.50 1.72 11.01
C HIS A 221 -11.61 0.19 10.92
N ALA A 222 -10.57 -0.49 11.41
CA ALA A 222 -10.48 -1.95 11.37
C ALA A 222 -11.68 -2.69 11.94
N ARG A 223 -12.23 -2.19 13.04
CA ARG A 223 -13.37 -2.84 13.70
C ARG A 223 -14.72 -2.17 13.43
N ASP A 224 -14.73 -1.23 12.49
CA ASP A 224 -15.96 -0.53 12.13
C ASP A 224 -16.79 -1.46 11.27
N PRO A 225 -18.06 -1.70 11.66
CA PRO A 225 -18.99 -2.57 10.95
C PRO A 225 -19.25 -2.11 9.52
N ILE A 226 -19.06 -0.81 9.28
CA ILE A 226 -19.28 -0.23 7.96
C ILE A 226 -18.01 -0.07 7.15
N PHE A 227 -16.93 0.41 7.77
CA PHE A 227 -15.68 0.63 7.06
C PHE A 227 -14.57 -0.38 7.28
N GLY A 228 -14.83 -1.40 8.10
CA GLY A 228 -13.83 -2.42 8.37
C GLY A 228 -14.47 -3.78 8.53
N ASN A 229 -14.21 -4.44 9.67
CA ASN A 229 -14.79 -5.75 9.93
C ASN A 229 -15.42 -5.81 11.30
N GLN A 230 -16.58 -6.41 11.39
CA GLN A 230 -17.23 -6.58 12.68
C GLN A 230 -16.40 -7.60 13.45
N ILE A 231 -16.10 -7.33 14.71
CA ILE A 231 -15.34 -8.29 15.49
C ILE A 231 -16.26 -9.43 15.90
N ILE A 232 -16.23 -10.49 15.08
CA ILE A 232 -17.04 -11.68 15.31
C ILE A 232 -16.05 -12.78 15.60
N PRO A 233 -16.40 -13.70 16.51
CA PRO A 233 -15.50 -14.79 16.85
C PRO A 233 -15.26 -15.74 15.66
N ASP A 234 -14.05 -16.27 15.60
CA ASP A 234 -13.63 -17.19 14.56
C ASP A 234 -13.50 -16.60 13.15
N THR A 235 -13.22 -15.30 13.10
CA THR A 235 -13.05 -14.61 11.82
C THR A 235 -11.64 -14.88 11.27
N ALA A 236 -11.57 -15.41 10.05
CA ALA A 236 -10.29 -15.71 9.40
C ALA A 236 -10.19 -14.93 8.09
N ILE A 237 -8.99 -14.39 7.85
CA ILE A 237 -8.67 -13.61 6.68
C ILE A 237 -7.54 -14.32 5.93
N LEU A 238 -7.58 -14.27 4.60
CA LEU A 238 -6.50 -14.87 3.81
C LEU A 238 -5.81 -13.69 3.16
N SER A 239 -4.59 -13.43 3.59
CA SER A 239 -3.81 -12.30 3.09
C SER A 239 -2.65 -12.76 2.21
N VAL A 240 -2.67 -12.31 0.97
CA VAL A 240 -1.61 -12.65 0.04
C VAL A 240 -0.81 -11.38 -0.28
N VAL A 241 -1.31 -10.23 0.20
CA VAL A 241 -0.66 -8.94 -0.01
C VAL A 241 0.57 -8.76 0.87
N PRO A 242 1.63 -8.13 0.34
CA PRO A 242 2.87 -7.91 1.11
C PRO A 242 2.75 -7.10 2.41
N PHE A 243 3.31 -7.67 3.48
CA PHE A 243 3.28 -7.08 4.82
C PHE A 243 4.11 -5.81 4.94
N HIS A 244 5.14 -5.69 4.11
CA HIS A 244 6.02 -4.51 4.12
C HIS A 244 5.41 -3.30 3.42
N HIS A 245 4.20 -3.46 2.89
CA HIS A 245 3.49 -2.41 2.19
C HIS A 245 2.29 -2.03 3.06
N GLY A 246 1.80 -0.80 2.94
CA GLY A 246 0.66 -0.33 3.73
C GLY A 246 -0.60 -1.17 3.75
N PHE A 247 -0.95 -1.76 2.61
CA PHE A 247 -2.15 -2.60 2.57
C PHE A 247 -1.99 -3.77 3.56
N GLY A 248 -0.92 -4.55 3.40
CA GLY A 248 -0.66 -5.68 4.28
C GLY A 248 -0.34 -5.27 5.71
N MET A 249 0.44 -4.20 5.86
CA MET A 249 0.83 -3.72 7.17
C MET A 249 -0.34 -3.29 8.03
N PHE A 250 -1.11 -2.33 7.54
CA PHE A 250 -2.23 -1.80 8.30
C PHE A 250 -3.50 -2.63 8.39
N THR A 251 -3.65 -3.61 7.51
CA THR A 251 -4.79 -4.50 7.62
C THR A 251 -4.44 -5.50 8.74
N THR A 252 -3.22 -6.03 8.72
CA THR A 252 -2.78 -6.99 9.72
C THR A 252 -2.79 -6.48 11.16
N LEU A 253 -2.19 -5.31 11.39
CA LEU A 253 -2.16 -4.72 12.73
C LEU A 253 -3.59 -4.57 13.24
N GLY A 254 -4.50 -4.19 12.35
CA GLY A 254 -5.89 -4.04 12.73
C GLY A 254 -6.51 -5.38 13.09
N TYR A 255 -6.14 -6.41 12.33
CA TYR A 255 -6.64 -7.76 12.56
C TYR A 255 -6.20 -8.25 13.92
N LEU A 256 -4.98 -7.89 14.31
CA LEU A 256 -4.43 -8.27 15.61
C LEU A 256 -5.24 -7.62 16.72
N ILE A 257 -5.67 -6.39 16.49
CA ILE A 257 -6.50 -5.67 17.45
C ILE A 257 -7.85 -6.40 17.57
N CYS A 258 -8.35 -6.90 16.45
CA CYS A 258 -9.63 -7.60 16.40
C CYS A 258 -9.59 -9.06 16.84
N GLY A 259 -8.38 -9.59 17.07
CA GLY A 259 -8.25 -10.98 17.48
C GLY A 259 -8.57 -12.01 16.40
N PHE A 260 -8.43 -11.59 15.14
CA PHE A 260 -8.70 -12.47 14.00
C PHE A 260 -7.56 -13.42 13.72
N ARG A 261 -7.85 -14.45 12.91
CA ARG A 261 -6.86 -15.44 12.49
C ARG A 261 -6.40 -14.98 11.11
N VAL A 262 -5.12 -14.64 11.00
CA VAL A 262 -4.56 -14.18 9.73
C VAL A 262 -3.80 -15.30 9.00
N VAL A 263 -4.45 -15.87 7.99
CA VAL A 263 -3.85 -16.93 7.20
C VAL A 263 -3.05 -16.24 6.09
N LEU A 264 -1.75 -16.51 6.05
CA LEU A 264 -0.88 -15.88 5.07
C LEU A 264 -0.33 -16.78 3.97
N MET A 265 0.03 -16.14 2.87
CA MET A 265 0.63 -16.80 1.74
C MET A 265 1.74 -15.86 1.27
N TYR A 266 2.92 -16.41 1.01
CA TYR A 266 3.99 -15.59 0.50
C TYR A 266 4.26 -15.84 -0.99
N ARG A 267 3.65 -16.91 -1.53
CA ARG A 267 3.79 -17.26 -2.93
C ARG A 267 2.39 -17.61 -3.42
N PHE A 268 1.90 -16.88 -4.42
CA PHE A 268 0.58 -17.14 -4.95
C PHE A 268 0.54 -18.43 -5.78
N GLU A 269 -0.56 -19.16 -5.64
CA GLU A 269 -0.81 -20.39 -6.36
C GLU A 269 -2.33 -20.50 -6.34
N GLU A 270 -2.91 -20.73 -7.51
CA GLU A 270 -4.36 -20.79 -7.67
C GLU A 270 -5.05 -21.80 -6.76
N GLU A 271 -4.67 -23.06 -6.88
CA GLU A 271 -5.28 -24.11 -6.07
C GLU A 271 -5.07 -23.94 -4.57
N LEU A 272 -3.86 -23.60 -4.14
CA LEU A 272 -3.57 -23.39 -2.73
C LEU A 272 -4.43 -22.24 -2.19
N PHE A 273 -4.61 -21.19 -3.01
CA PHE A 273 -5.42 -20.05 -2.61
C PHE A 273 -6.87 -20.43 -2.38
N LEU A 274 -7.49 -21.03 -3.39
CA LEU A 274 -8.90 -21.42 -3.30
C LEU A 274 -9.14 -22.47 -2.20
N ARG A 275 -8.23 -23.44 -2.10
CA ARG A 275 -8.36 -24.48 -1.08
C ARG A 275 -8.23 -23.88 0.32
N SER A 276 -7.43 -22.83 0.44
CA SER A 276 -7.25 -22.15 1.71
C SER A 276 -8.52 -21.40 2.08
N LEU A 277 -9.15 -20.77 1.10
CA LEU A 277 -10.40 -20.04 1.35
C LEU A 277 -11.42 -21.01 1.89
N GLN A 278 -11.46 -22.19 1.28
CA GLN A 278 -12.37 -23.25 1.68
C GLN A 278 -12.07 -23.84 3.04
N ASP A 279 -10.90 -24.45 3.16
CA ASP A 279 -10.48 -25.12 4.39
C ASP A 279 -10.41 -24.25 5.64
N TYR A 280 -9.89 -23.05 5.51
CA TYR A 280 -9.80 -22.14 6.65
C TYR A 280 -11.07 -21.34 6.85
N LYS A 281 -12.10 -21.64 6.07
CA LYS A 281 -13.40 -20.96 6.18
C LYS A 281 -13.22 -19.45 6.22
N ILE A 282 -12.42 -18.95 5.29
CA ILE A 282 -12.10 -17.54 5.18
C ILE A 282 -13.31 -16.64 4.92
N GLN A 283 -13.39 -15.53 5.65
CA GLN A 283 -14.46 -14.54 5.50
C GLN A 283 -14.02 -13.41 4.57
N SER A 284 -12.73 -13.09 4.58
CA SER A 284 -12.17 -12.00 3.78
C SER A 284 -10.83 -12.38 3.16
N ALA A 285 -10.65 -12.02 1.90
CA ALA A 285 -9.41 -12.28 1.17
C ALA A 285 -8.89 -10.94 0.68
N LEU A 286 -7.58 -10.73 0.78
CA LEU A 286 -6.96 -9.49 0.32
C LEU A 286 -6.08 -9.83 -0.86
N LEU A 287 -6.27 -9.13 -1.97
CA LEU A 287 -5.49 -9.39 -3.18
C LEU A 287 -4.88 -8.12 -3.72
N VAL A 288 -3.72 -8.26 -4.38
CA VAL A 288 -3.08 -7.14 -5.02
C VAL A 288 -3.88 -6.97 -6.33
N PRO A 289 -3.87 -5.78 -6.93
CA PRO A 289 -4.62 -5.50 -8.17
C PRO A 289 -4.51 -6.54 -9.31
N THR A 290 -3.31 -6.96 -9.68
CA THR A 290 -3.14 -7.92 -10.76
C THR A 290 -3.68 -9.31 -10.46
N LEU A 291 -3.96 -9.58 -9.19
CA LEU A 291 -4.53 -10.87 -8.84
C LEU A 291 -6.05 -10.83 -9.01
N PHE A 292 -6.63 -9.64 -9.05
CA PHE A 292 -8.06 -9.49 -9.30
C PHE A 292 -8.27 -9.86 -10.78
N SER A 293 -7.39 -9.33 -11.63
CA SER A 293 -7.44 -9.63 -13.04
C SER A 293 -7.28 -11.13 -13.23
N PHE A 294 -6.37 -11.75 -12.48
CA PHE A 294 -6.15 -13.18 -12.57
C PHE A 294 -7.43 -13.96 -12.26
N PHE A 295 -8.09 -13.64 -11.16
CA PHE A 295 -9.30 -14.38 -10.79
C PHE A 295 -10.48 -14.20 -11.72
N ALA A 296 -10.48 -13.11 -12.49
CA ALA A 296 -11.54 -12.89 -13.45
C ALA A 296 -11.43 -13.99 -14.52
N LYS A 297 -10.24 -14.56 -14.66
CA LYS A 297 -9.97 -15.63 -15.63
C LYS A 297 -10.14 -17.04 -15.06
N SER A 298 -10.20 -17.16 -13.73
CA SER A 298 -10.30 -18.46 -13.07
C SER A 298 -11.59 -19.23 -13.32
N THR A 299 -11.45 -20.51 -13.70
CA THR A 299 -12.62 -21.35 -13.93
C THR A 299 -12.73 -22.45 -12.87
N LEU A 300 -11.89 -22.39 -11.84
CA LEU A 300 -11.88 -23.41 -10.78
C LEU A 300 -12.65 -23.09 -9.49
N ILE A 301 -13.10 -21.84 -9.37
CA ILE A 301 -13.81 -21.40 -8.17
C ILE A 301 -14.99 -22.26 -7.71
N ASP A 302 -15.84 -22.69 -8.65
CA ASP A 302 -17.02 -23.48 -8.31
C ASP A 302 -16.71 -24.84 -7.70
N LYS A 303 -15.45 -25.27 -7.76
CA LYS A 303 -15.06 -26.55 -7.20
C LYS A 303 -14.84 -26.52 -5.68
N TYR A 304 -14.90 -25.32 -5.08
CA TYR A 304 -14.68 -25.18 -3.65
C TYR A 304 -15.85 -24.63 -2.88
N ASP A 305 -15.99 -25.10 -1.65
CA ASP A 305 -17.05 -24.61 -0.78
C ASP A 305 -16.54 -23.31 -0.17
N LEU A 306 -16.98 -22.19 -0.72
CA LEU A 306 -16.59 -20.88 -0.24
C LEU A 306 -17.79 -20.19 0.43
N SER A 307 -18.63 -20.96 1.11
CA SER A 307 -19.82 -20.41 1.75
C SER A 307 -19.57 -19.28 2.75
N ASN A 308 -18.42 -19.30 3.42
CA ASN A 308 -18.08 -18.28 4.40
C ASN A 308 -17.51 -17.00 3.81
N LEU A 309 -16.97 -17.08 2.60
CA LEU A 309 -16.37 -15.92 1.96
C LEU A 309 -17.38 -14.81 1.79
N HIS A 310 -17.05 -13.63 2.28
CA HIS A 310 -17.92 -12.50 2.19
C HIS A 310 -17.23 -11.27 1.59
N GLU A 311 -15.94 -11.13 1.86
CA GLU A 311 -15.23 -9.96 1.40
C GLU A 311 -13.94 -10.27 0.64
N ILE A 312 -13.75 -9.56 -0.47
CA ILE A 312 -12.54 -9.65 -1.28
C ILE A 312 -12.15 -8.18 -1.39
N ALA A 313 -10.96 -7.82 -0.92
CA ALA A 313 -10.56 -6.43 -0.92
C ALA A 313 -9.31 -6.06 -1.66
N SER A 314 -9.26 -4.79 -2.09
CA SER A 314 -8.13 -4.23 -2.82
C SER A 314 -7.39 -3.15 -2.03
N GLY A 315 -7.88 -2.84 -0.83
CA GLY A 315 -7.21 -1.84 0.00
C GLY A 315 -7.19 -0.46 -0.61
N GLY A 316 -6.00 0.14 -0.70
CA GLY A 316 -5.88 1.46 -1.26
C GLY A 316 -5.83 1.51 -2.78
N ALA A 317 -5.92 0.35 -3.41
CA ALA A 317 -5.86 0.29 -4.86
C ALA A 317 -7.24 0.28 -5.52
N PRO A 318 -7.54 1.30 -6.34
CA PRO A 318 -8.83 1.42 -7.04
C PRO A 318 -8.88 0.37 -8.16
N LEU A 319 -10.05 -0.14 -8.48
CA LEU A 319 -10.18 -1.15 -9.53
C LEU A 319 -11.18 -0.72 -10.58
N SER A 320 -11.00 -1.19 -11.82
CA SER A 320 -11.91 -0.84 -12.89
C SER A 320 -13.24 -1.50 -12.61
N LYS A 321 -14.32 -0.84 -13.01
CA LYS A 321 -15.65 -1.39 -12.80
C LYS A 321 -15.74 -2.80 -13.39
N GLU A 322 -15.09 -3.00 -14.54
CA GLU A 322 -15.09 -4.28 -15.22
C GLU A 322 -14.44 -5.41 -14.41
N VAL A 323 -13.21 -5.18 -13.95
CA VAL A 323 -12.49 -6.18 -13.17
C VAL A 323 -13.21 -6.49 -11.86
N GLY A 324 -13.66 -5.46 -11.15
CA GLY A 324 -14.37 -5.66 -9.91
C GLY A 324 -15.60 -6.54 -10.10
N GLU A 325 -16.43 -6.18 -11.08
CA GLU A 325 -17.65 -6.94 -11.37
C GLU A 325 -17.35 -8.37 -11.82
N ALA A 326 -16.29 -8.53 -12.61
CA ALA A 326 -15.91 -9.84 -13.11
C ALA A 326 -15.54 -10.77 -11.93
N VAL A 327 -14.73 -10.24 -11.02
CA VAL A 327 -14.31 -11.00 -9.86
C VAL A 327 -15.50 -11.32 -8.95
N ALA A 328 -16.33 -10.32 -8.65
CA ALA A 328 -17.50 -10.53 -7.80
C ALA A 328 -18.41 -11.61 -8.41
N LYS A 329 -18.59 -11.57 -9.73
CA LYS A 329 -19.43 -12.54 -10.43
C LYS A 329 -18.82 -13.95 -10.29
N ARG A 330 -17.50 -14.05 -10.45
CA ARG A 330 -16.80 -15.33 -10.32
C ARG A 330 -16.97 -15.92 -8.92
N PHE A 331 -16.92 -15.06 -7.91
CA PHE A 331 -17.07 -15.51 -6.54
C PHE A 331 -18.49 -15.43 -6.01
N HIS A 332 -19.44 -15.18 -6.91
CA HIS A 332 -20.86 -15.10 -6.56
C HIS A 332 -21.12 -14.16 -5.39
N LEU A 333 -20.53 -12.97 -5.44
CA LEU A 333 -20.70 -11.98 -4.39
C LEU A 333 -21.34 -10.75 -5.01
N PRO A 334 -22.15 -9.99 -4.24
CA PRO A 334 -22.81 -8.78 -4.76
C PRO A 334 -21.84 -7.70 -5.21
N GLY A 335 -20.61 -7.75 -4.71
CA GLY A 335 -19.62 -6.76 -5.08
C GLY A 335 -18.32 -7.08 -4.38
N ILE A 336 -17.35 -6.19 -4.49
CA ILE A 336 -16.06 -6.38 -3.84
C ILE A 336 -15.76 -5.09 -3.07
N ARG A 337 -14.87 -5.18 -2.09
CA ARG A 337 -14.52 -3.98 -1.35
C ARG A 337 -13.22 -3.38 -1.87
N GLN A 338 -13.29 -2.13 -2.29
CA GLN A 338 -12.11 -1.46 -2.76
C GLN A 338 -12.04 -0.17 -2.02
N GLY A 339 -11.04 0.63 -2.34
CA GLY A 339 -10.90 1.91 -1.69
C GLY A 339 -9.73 2.65 -2.30
N TYR A 340 -9.55 3.88 -1.87
CA TYR A 340 -8.47 4.69 -2.38
C TYR A 340 -7.61 5.07 -1.20
N GLY A 341 -6.32 4.82 -1.33
CA GLY A 341 -5.39 5.15 -0.27
C GLY A 341 -4.00 5.29 -0.83
N LEU A 342 -3.15 6.01 -0.10
CA LEU A 342 -1.77 6.22 -0.51
C LEU A 342 -0.92 5.82 0.68
N THR A 343 0.37 5.61 0.43
CA THR A 343 1.28 5.27 1.51
C THR A 343 1.25 6.47 2.47
N GLU A 344 1.08 7.65 1.86
CA GLU A 344 1.02 8.92 2.56
C GLU A 344 -0.25 9.13 3.40
N THR A 345 -1.21 8.22 3.30
CA THR A 345 -2.44 8.34 4.08
C THR A 345 -2.58 7.12 5.00
N THR A 346 -1.47 6.40 5.18
CA THR A 346 -1.43 5.20 6.02
C THR A 346 -2.17 4.05 5.31
N SER A 347 -3.48 4.21 5.12
CA SER A 347 -4.29 3.22 4.44
C SER A 347 -5.43 3.90 3.66
N ALA A 348 -6.44 3.13 3.28
CA ALA A 348 -7.55 3.67 2.51
C ALA A 348 -8.37 4.72 3.27
N ILE A 349 -8.56 5.87 2.64
CA ILE A 349 -9.32 6.97 3.22
C ILE A 349 -10.71 7.06 2.56
N LEU A 350 -10.86 6.34 1.44
CA LEU A 350 -12.11 6.24 0.72
C LEU A 350 -12.27 4.72 0.68
N ILE A 351 -13.36 4.20 1.23
CA ILE A 351 -13.59 2.77 1.30
C ILE A 351 -15.03 2.43 0.95
N THR A 352 -15.24 1.27 0.33
CA THR A 352 -16.58 0.79 -0.02
C THR A 352 -17.31 0.41 1.28
N PRO A 353 -18.36 1.16 1.64
CA PRO A 353 -19.12 0.87 2.87
C PRO A 353 -19.95 -0.40 2.76
N GLU A 354 -20.03 -1.16 3.85
CA GLU A 354 -20.82 -2.38 3.89
C GLU A 354 -22.27 -1.97 3.64
N GLY A 355 -22.93 -2.64 2.70
CA GLY A 355 -24.30 -2.34 2.36
C GLY A 355 -24.55 -1.05 1.60
N ASP A 356 -23.48 -0.36 1.22
CA ASP A 356 -23.60 0.91 0.49
C ASP A 356 -22.72 0.86 -0.78
N ASP A 357 -22.87 -0.22 -1.53
CA ASP A 357 -22.10 -0.41 -2.76
C ASP A 357 -22.79 0.35 -3.91
N LYS A 358 -21.99 0.89 -4.82
CA LYS A 358 -22.49 1.63 -5.97
C LYS A 358 -21.52 1.34 -7.13
N PRO A 359 -22.06 0.85 -8.26
CA PRO A 359 -21.25 0.52 -9.45
C PRO A 359 -20.28 1.61 -9.89
N GLY A 360 -19.00 1.26 -9.94
CA GLY A 360 -17.98 2.21 -10.38
C GLY A 360 -17.42 3.15 -9.33
N ALA A 361 -18.07 3.24 -8.18
CA ALA A 361 -17.61 4.11 -7.11
C ALA A 361 -16.47 3.47 -6.35
N VAL A 362 -15.50 4.28 -5.95
CA VAL A 362 -14.36 3.77 -5.18
C VAL A 362 -14.74 3.63 -3.70
N GLY A 363 -15.76 4.37 -3.27
CA GLY A 363 -16.20 4.32 -1.89
C GLY A 363 -16.60 5.66 -1.34
N LYS A 364 -16.52 5.81 -0.02
CA LYS A 364 -16.87 7.05 0.67
C LYS A 364 -15.78 7.42 1.67
N VAL A 365 -15.73 8.69 2.05
CA VAL A 365 -14.73 9.17 3.01
C VAL A 365 -14.88 8.45 4.35
N VAL A 366 -13.77 7.93 4.85
CA VAL A 366 -13.73 7.20 6.11
C VAL A 366 -13.82 8.13 7.31
N PRO A 367 -14.31 7.61 8.46
CA PRO A 367 -14.43 8.40 9.69
C PRO A 367 -13.11 9.06 10.01
N PHE A 368 -13.18 10.25 10.61
CA PHE A 368 -12.01 11.06 10.97
C PHE A 368 -11.45 11.86 9.80
N PHE A 369 -11.91 11.54 8.58
CA PHE A 369 -11.40 12.19 7.39
C PHE A 369 -12.40 13.04 6.62
N GLU A 370 -11.87 13.88 5.75
CA GLU A 370 -12.68 14.72 4.87
C GLU A 370 -11.92 14.84 3.55
N ALA A 371 -12.66 14.88 2.45
CA ALA A 371 -12.06 14.98 1.12
C ALA A 371 -12.85 15.93 0.25
N LYS A 372 -12.18 16.44 -0.78
CA LYS A 372 -12.78 17.38 -1.73
C LYS A 372 -12.05 17.30 -3.06
N VAL A 373 -12.66 17.88 -4.09
CA VAL A 373 -12.08 17.93 -5.42
C VAL A 373 -11.88 19.42 -5.70
N VAL A 374 -10.68 19.81 -6.08
CA VAL A 374 -10.38 21.20 -6.35
C VAL A 374 -10.05 21.47 -7.81
N ASP A 375 -10.26 22.71 -8.24
CA ASP A 375 -9.97 23.11 -9.61
C ASP A 375 -8.46 23.04 -9.82
N LEU A 376 -8.04 22.35 -10.88
CA LEU A 376 -6.64 22.20 -11.20
C LEU A 376 -5.92 23.53 -11.45
N ASP A 377 -6.71 24.59 -11.65
CA ASP A 377 -6.15 25.91 -11.90
C ASP A 377 -6.31 26.83 -10.69
N THR A 378 -7.55 27.18 -10.36
CA THR A 378 -7.84 28.07 -9.23
C THR A 378 -7.63 27.44 -7.86
N GLY A 379 -7.58 26.11 -7.81
CA GLY A 379 -7.41 25.41 -6.55
C GLY A 379 -8.63 25.53 -5.66
N LYS A 380 -9.69 26.11 -6.21
CA LYS A 380 -10.94 26.29 -5.48
C LYS A 380 -11.77 24.99 -5.41
N THR A 381 -12.43 24.78 -4.27
CA THR A 381 -13.26 23.60 -4.03
C THR A 381 -14.44 23.53 -5.00
N LEU A 382 -14.47 22.48 -5.81
CA LEU A 382 -15.54 22.29 -6.79
C LEU A 382 -16.79 21.70 -6.14
N GLY A 383 -17.85 21.56 -6.91
CA GLY A 383 -19.10 21.04 -6.37
C GLY A 383 -19.44 19.61 -6.78
N VAL A 384 -20.72 19.27 -6.68
CA VAL A 384 -21.22 17.94 -7.01
C VAL A 384 -20.93 17.53 -8.44
N ASN A 385 -20.63 16.24 -8.64
CA ASN A 385 -20.35 15.66 -9.94
C ASN A 385 -19.37 16.42 -10.83
N GLN A 386 -18.56 17.28 -10.24
CA GLN A 386 -17.58 18.04 -11.01
C GLN A 386 -16.19 17.46 -10.78
N ARG A 387 -15.50 17.16 -11.87
CA ARG A 387 -14.17 16.55 -11.80
C ARG A 387 -13.05 17.53 -11.48
N GLY A 388 -12.22 17.15 -10.52
CA GLY A 388 -11.09 17.96 -10.10
C GLY A 388 -10.11 17.11 -9.31
N GLU A 389 -9.03 17.71 -8.82
CA GLU A 389 -8.03 16.97 -8.04
C GLU A 389 -8.52 16.62 -6.64
N LEU A 390 -8.38 15.35 -6.28
CA LEU A 390 -8.78 14.85 -4.98
C LEU A 390 -7.80 15.29 -3.91
N CYS A 391 -8.35 15.91 -2.87
CA CYS A 391 -7.54 16.36 -1.76
C CYS A 391 -8.19 15.74 -0.55
N VAL A 392 -7.37 15.32 0.42
CA VAL A 392 -7.90 14.69 1.61
C VAL A 392 -7.23 15.28 2.84
N ARG A 393 -7.96 15.25 3.95
CA ARG A 393 -7.45 15.77 5.20
C ARG A 393 -7.92 14.89 6.35
N GLY A 394 -6.98 14.52 7.22
CA GLY A 394 -7.31 13.68 8.35
C GLY A 394 -6.10 13.28 9.18
N PRO A 395 -6.32 12.71 10.38
CA PRO A 395 -5.28 12.27 11.30
C PRO A 395 -4.42 11.10 10.83
N MET A 396 -4.68 10.59 9.63
CA MET A 396 -3.89 9.48 9.10
C MET A 396 -2.89 9.91 8.05
N ILE A 397 -2.89 11.20 7.69
CA ILE A 397 -1.94 11.72 6.71
C ILE A 397 -0.55 11.66 7.38
N MET A 398 0.47 11.34 6.61
CA MET A 398 1.83 11.24 7.11
C MET A 398 2.32 12.54 7.74
N SER A 399 3.37 12.44 8.55
CA SER A 399 3.94 13.63 9.16
C SER A 399 4.89 14.24 8.12
N GLY A 400 5.27 13.45 7.13
CA GLY A 400 6.15 13.93 6.09
C GLY A 400 7.17 12.91 5.62
N TYR A 401 7.83 13.22 4.50
CA TYR A 401 8.86 12.35 3.94
C TYR A 401 10.13 12.54 4.75
N VAL A 402 10.74 11.44 5.14
CA VAL A 402 11.97 11.46 5.92
C VAL A 402 13.05 12.25 5.20
N ASN A 403 13.54 13.29 5.88
CA ASN A 403 14.60 14.16 5.37
C ASN A 403 14.34 14.78 3.99
N ASN A 404 13.08 15.09 3.72
CA ASN A 404 12.71 15.69 2.44
C ASN A 404 11.49 16.60 2.65
N PRO A 405 11.65 17.68 3.42
CA PRO A 405 10.54 18.60 3.68
C PRO A 405 10.03 19.28 2.42
N GLU A 406 10.89 19.41 1.41
CA GLU A 406 10.51 20.04 0.15
C GLU A 406 9.40 19.23 -0.52
N ALA A 407 9.60 17.91 -0.59
CA ALA A 407 8.61 17.02 -1.20
C ALA A 407 7.34 16.98 -0.37
N THR A 408 7.50 17.05 0.96
CA THR A 408 6.35 17.03 1.86
C THR A 408 5.46 18.23 1.55
N ASN A 409 6.06 19.41 1.57
CA ASN A 409 5.34 20.66 1.32
C ASN A 409 4.68 20.73 -0.06
N ALA A 410 5.31 20.11 -1.05
CA ALA A 410 4.76 20.10 -2.40
C ALA A 410 3.50 19.23 -2.47
N LEU A 411 3.32 18.39 -1.46
CA LEU A 411 2.18 17.49 -1.41
C LEU A 411 1.10 17.90 -0.40
N ILE A 412 1.53 18.39 0.76
CA ILE A 412 0.60 18.80 1.83
C ILE A 412 0.62 20.32 1.99
N ASP A 413 -0.56 20.94 1.85
CA ASP A 413 -0.66 22.39 1.97
C ASP A 413 -0.80 22.90 3.41
N LYS A 414 -0.73 24.23 3.56
CA LYS A 414 -0.84 24.90 4.85
C LYS A 414 -2.06 24.48 5.68
N ASP A 415 -3.17 24.19 5.02
CA ASP A 415 -4.39 23.79 5.71
C ASP A 415 -4.48 22.30 6.01
N GLY A 416 -3.39 21.57 5.83
CA GLY A 416 -3.39 20.14 6.10
C GLY A 416 -3.93 19.23 5.01
N TRP A 417 -4.32 19.79 3.87
CA TRP A 417 -4.84 18.99 2.77
C TRP A 417 -3.70 18.39 1.97
N LEU A 418 -3.81 17.10 1.67
CA LEU A 418 -2.81 16.42 0.88
C LEU A 418 -3.41 16.39 -0.52
N HIS A 419 -2.63 16.85 -1.50
CA HIS A 419 -3.06 16.88 -2.90
C HIS A 419 -2.63 15.56 -3.51
N SER A 420 -3.60 14.70 -3.80
CA SER A 420 -3.32 13.36 -4.33
C SER A 420 -2.71 13.34 -5.72
N GLY A 421 -3.07 14.34 -6.54
CA GLY A 421 -2.56 14.38 -7.90
C GLY A 421 -3.43 13.52 -8.80
N ASP A 422 -4.54 12.99 -8.26
CA ASP A 422 -5.46 12.14 -9.00
C ASP A 422 -6.77 12.90 -9.17
N ILE A 423 -7.42 12.74 -10.32
CA ILE A 423 -8.69 13.41 -10.58
C ILE A 423 -9.83 12.49 -10.20
N ALA A 424 -10.86 13.07 -9.57
CA ALA A 424 -12.03 12.32 -9.15
C ALA A 424 -13.23 13.24 -8.99
N TYR A 425 -14.34 12.69 -8.49
CA TYR A 425 -15.55 13.45 -8.27
C TYR A 425 -16.47 12.65 -7.37
N TRP A 426 -17.39 13.36 -6.70
CA TRP A 426 -18.38 12.73 -5.82
C TRP A 426 -19.78 13.11 -6.29
N ASP A 427 -20.72 12.23 -6.05
CA ASP A 427 -22.10 12.46 -6.48
C ASP A 427 -23.05 12.90 -5.37
N GLU A 428 -24.34 12.94 -5.70
CA GLU A 428 -25.39 13.34 -4.76
C GLU A 428 -25.47 12.47 -3.50
N ASP A 429 -24.81 11.33 -3.51
CA ASP A 429 -24.81 10.41 -2.36
C ASP A 429 -23.45 10.33 -1.65
N GLU A 430 -22.52 11.19 -2.05
CA GLU A 430 -21.17 11.24 -1.47
C GLU A 430 -20.24 10.09 -1.86
N HIS A 431 -20.62 9.33 -2.88
CA HIS A 431 -19.79 8.23 -3.38
C HIS A 431 -18.73 8.87 -4.26
N PHE A 432 -17.48 8.43 -4.12
CA PHE A 432 -16.41 8.99 -4.93
C PHE A 432 -16.08 8.09 -6.13
N PHE A 433 -15.56 8.72 -7.17
CA PHE A 433 -15.18 8.01 -8.40
C PHE A 433 -13.82 8.52 -8.83
N ILE A 434 -12.88 7.59 -9.03
CA ILE A 434 -11.54 7.96 -9.47
C ILE A 434 -11.51 7.87 -10.99
N VAL A 435 -11.23 8.98 -11.67
CA VAL A 435 -11.20 8.97 -13.12
C VAL A 435 -10.07 8.07 -13.61
N ASP A 436 -10.46 6.97 -14.25
CA ASP A 436 -9.50 6.00 -14.79
C ASP A 436 -8.78 6.62 -15.98
N ARG A 437 -7.48 6.88 -15.82
CA ARG A 437 -6.70 7.49 -16.89
C ARG A 437 -6.55 6.56 -18.10
N LEU A 438 -6.81 5.27 -17.89
CA LEU A 438 -6.71 4.28 -18.96
C LEU A 438 -7.93 4.35 -19.87
N LYS A 439 -9.00 4.98 -19.37
CA LYS A 439 -10.23 5.15 -20.11
C LYS A 439 -10.32 6.56 -20.70
N SER A 440 -9.28 7.36 -20.48
CA SER A 440 -9.20 8.75 -20.93
C SER A 440 -9.63 9.04 -22.38
N LEU A 441 -9.05 8.29 -23.32
CA LEU A 441 -9.37 8.44 -24.74
C LEU A 441 -8.97 9.76 -25.40
N ILE A 442 -8.30 9.63 -26.53
CA ILE A 442 -7.85 10.77 -27.32
C ILE A 442 -8.78 10.78 -28.52
N LYS A 443 -9.33 11.93 -28.86
CA LYS A 443 -10.24 12.04 -29.99
C LYS A 443 -9.70 12.81 -31.18
N TYR A 444 -9.34 12.09 -32.23
CA TYR A 444 -8.83 12.70 -33.46
C TYR A 444 -9.96 12.75 -34.47
N LYS A 445 -10.50 13.96 -34.68
CA LYS A 445 -11.62 14.15 -35.61
C LYS A 445 -12.73 13.14 -35.32
N GLY A 446 -13.12 13.04 -34.06
CA GLY A 446 -14.17 12.12 -33.68
C GLY A 446 -13.65 10.73 -33.36
N TYR A 447 -12.71 10.22 -34.16
CA TYR A 447 -12.15 8.88 -33.93
C TYR A 447 -11.44 8.82 -32.58
N GLN A 448 -11.76 7.81 -31.79
CA GLN A 448 -11.16 7.66 -30.46
C GLN A 448 -10.09 6.59 -30.38
N VAL A 449 -9.05 6.88 -29.60
CA VAL A 449 -7.96 5.92 -29.40
C VAL A 449 -7.46 5.98 -27.95
N ALA A 450 -7.33 4.81 -27.34
CA ALA A 450 -6.86 4.72 -25.96
C ALA A 450 -5.34 4.88 -25.91
N PRO A 451 -4.84 5.80 -25.08
CA PRO A 451 -3.40 6.02 -24.95
C PRO A 451 -2.65 4.74 -24.59
N ALA A 452 -3.32 3.88 -23.83
CA ALA A 452 -2.75 2.61 -23.40
C ALA A 452 -2.40 1.71 -24.59
N GLU A 453 -3.21 1.79 -25.64
CA GLU A 453 -3.01 1.00 -26.85
C GLU A 453 -1.69 1.40 -27.52
N LEU A 454 -1.58 2.69 -27.81
CA LEU A 454 -0.39 3.25 -28.44
C LEU A 454 0.85 3.02 -27.60
N GLU A 455 0.69 3.10 -26.28
CA GLU A 455 1.81 2.87 -25.37
C GLU A 455 2.26 1.43 -25.48
N SER A 456 1.29 0.53 -25.60
CA SER A 456 1.56 -0.89 -25.74
C SER A 456 2.42 -1.11 -26.98
N ILE A 457 2.07 -0.41 -28.06
CA ILE A 457 2.80 -0.48 -29.32
C ILE A 457 4.23 0.08 -29.20
N LEU A 458 4.36 1.25 -28.59
CA LEU A 458 5.66 1.87 -28.42
C LEU A 458 6.58 1.00 -27.57
N LEU A 459 6.07 0.54 -26.43
CA LEU A 459 6.82 -0.31 -25.51
C LEU A 459 7.29 -1.58 -26.22
N GLN A 460 6.61 -1.92 -27.30
CA GLN A 460 6.92 -3.10 -28.09
C GLN A 460 8.22 -2.96 -28.91
N HIS A 461 8.69 -1.73 -29.09
CA HIS A 461 9.91 -1.49 -29.87
C HIS A 461 11.19 -1.74 -29.08
N PRO A 462 12.16 -2.46 -29.69
CA PRO A 462 13.44 -2.77 -29.03
C PRO A 462 14.23 -1.56 -28.53
N ASN A 463 14.01 -0.42 -29.15
CA ASN A 463 14.72 0.80 -28.77
C ASN A 463 14.01 1.60 -27.69
N ILE A 464 12.72 1.35 -27.51
CA ILE A 464 11.97 2.10 -26.53
C ILE A 464 11.86 1.40 -25.19
N PHE A 465 12.26 2.13 -24.15
CA PHE A 465 12.23 1.61 -22.78
C PHE A 465 10.87 1.89 -22.14
N ASP A 466 10.41 3.12 -22.23
CA ASP A 466 9.13 3.53 -21.65
C ASP A 466 8.51 4.56 -22.59
N ALA A 467 7.18 4.71 -22.51
CA ALA A 467 6.45 5.65 -23.34
C ALA A 467 5.17 6.09 -22.65
N GLY A 468 4.80 7.34 -22.90
CA GLY A 468 3.58 7.89 -22.32
C GLY A 468 2.84 8.61 -23.42
N VAL A 469 1.65 8.12 -23.75
CA VAL A 469 0.86 8.71 -24.81
C VAL A 469 -0.25 9.58 -24.27
N ALA A 470 -0.32 10.81 -24.79
CA ALA A 470 -1.35 11.77 -24.39
C ALA A 470 -1.74 12.58 -25.63
N GLY A 471 -2.93 13.15 -25.62
CA GLY A 471 -3.39 13.93 -26.77
C GLY A 471 -2.98 15.39 -26.79
N LEU A 472 -2.11 15.75 -27.74
CA LEU A 472 -1.66 17.13 -27.92
C LEU A 472 -2.84 17.89 -28.52
N PRO A 473 -3.50 18.75 -27.73
CA PRO A 473 -4.65 19.51 -28.24
C PRO A 473 -4.35 20.27 -29.54
N ASP A 474 -5.23 20.06 -30.52
CA ASP A 474 -5.11 20.70 -31.82
C ASP A 474 -6.48 21.19 -32.26
N ASP A 475 -6.60 22.51 -32.46
CA ASP A 475 -7.85 23.14 -32.88
C ASP A 475 -8.44 22.56 -34.16
N ASP A 476 -7.59 22.29 -35.15
CA ASP A 476 -8.04 21.75 -36.43
C ASP A 476 -8.51 20.28 -36.42
N ALA A 477 -8.20 19.53 -35.36
CA ALA A 477 -8.60 18.12 -35.30
C ALA A 477 -8.99 17.58 -33.93
N GLY A 478 -9.13 18.48 -32.97
CA GLY A 478 -9.50 18.07 -31.62
C GLY A 478 -8.22 17.72 -30.85
N GLU A 479 -7.66 16.56 -31.14
CA GLU A 479 -6.44 16.12 -30.49
C GLU A 479 -5.53 15.35 -31.45
N LEU A 480 -4.22 15.54 -31.27
CA LEU A 480 -3.22 14.84 -32.07
C LEU A 480 -2.50 13.87 -31.15
N PRO A 481 -2.60 12.55 -31.43
CA PRO A 481 -1.91 11.59 -30.55
C PRO A 481 -0.40 11.87 -30.54
N ALA A 482 0.16 12.07 -29.35
CA ALA A 482 1.58 12.34 -29.20
C ALA A 482 2.11 11.50 -28.05
N ALA A 483 3.43 11.44 -27.92
CA ALA A 483 4.04 10.65 -26.87
C ALA A 483 5.41 11.10 -26.39
N VAL A 484 5.65 10.94 -25.10
CA VAL A 484 6.95 11.26 -24.52
C VAL A 484 7.62 9.88 -24.51
N VAL A 485 8.84 9.78 -25.02
CA VAL A 485 9.52 8.50 -25.10
C VAL A 485 10.88 8.44 -24.42
N VAL A 486 11.08 7.39 -23.62
CA VAL A 486 12.34 7.14 -22.92
C VAL A 486 13.03 6.00 -23.66
N LEU A 487 14.11 6.31 -24.38
CA LEU A 487 14.84 5.30 -25.13
C LEU A 487 15.63 4.37 -24.22
N GLU A 488 15.86 3.15 -24.71
CA GLU A 488 16.62 2.14 -24.00
C GLU A 488 18.03 2.69 -23.96
N HIS A 489 18.74 2.50 -22.85
CA HIS A 489 20.10 3.01 -22.74
C HIS A 489 21.03 2.54 -23.86
N GLY A 490 21.67 3.49 -24.52
CA GLY A 490 22.60 3.16 -25.58
C GLY A 490 22.02 3.08 -26.98
N LYS A 491 20.69 3.11 -27.10
CA LYS A 491 20.05 3.01 -28.41
C LYS A 491 19.60 4.38 -28.92
N THR A 492 19.69 4.57 -30.24
CA THR A 492 19.31 5.84 -30.86
C THR A 492 18.11 5.67 -31.79
N MET A 493 17.14 6.59 -31.69
CA MET A 493 15.94 6.54 -32.52
C MET A 493 15.39 7.95 -32.73
N THR A 494 14.97 8.25 -33.96
CA THR A 494 14.43 9.57 -34.30
C THR A 494 12.91 9.62 -34.16
N GLU A 495 12.38 10.84 -33.99
CA GLU A 495 10.95 11.03 -33.87
C GLU A 495 10.26 10.43 -35.08
N LYS A 496 10.84 10.65 -36.25
CA LYS A 496 10.28 10.14 -37.50
C LYS A 496 10.19 8.62 -37.47
N GLU A 497 11.28 7.96 -37.09
CA GLU A 497 11.29 6.50 -37.03
C GLU A 497 10.16 6.00 -36.14
N ILE A 498 10.01 6.63 -34.98
CA ILE A 498 8.96 6.25 -34.03
C ILE A 498 7.57 6.45 -34.63
N VAL A 499 7.34 7.62 -35.22
CA VAL A 499 6.05 7.95 -35.84
C VAL A 499 5.73 6.95 -36.97
N ASP A 500 6.72 6.67 -37.80
CA ASP A 500 6.56 5.74 -38.91
C ASP A 500 6.28 4.34 -38.40
N TYR A 501 6.96 3.95 -37.33
CA TYR A 501 6.75 2.63 -36.73
C TYR A 501 5.30 2.52 -36.25
N VAL A 502 4.83 3.55 -35.55
CA VAL A 502 3.47 3.54 -35.05
C VAL A 502 2.50 3.39 -36.21
N ALA A 503 2.72 4.14 -37.28
CA ALA A 503 1.87 4.11 -38.46
C ALA A 503 1.76 2.72 -39.08
N SER A 504 2.86 1.97 -39.10
CA SER A 504 2.88 0.63 -39.65
C SER A 504 2.16 -0.38 -38.75
N GLN A 505 1.55 0.11 -37.67
CA GLN A 505 0.86 -0.76 -36.72
C GLN A 505 -0.59 -0.40 -36.45
N VAL A 506 -1.01 0.81 -36.80
CA VAL A 506 -2.37 1.23 -36.53
C VAL A 506 -3.12 1.83 -37.71
N THR A 507 -4.44 1.93 -37.55
CA THR A 507 -5.32 2.49 -38.58
C THR A 507 -4.95 3.95 -38.77
N THR A 508 -5.22 4.51 -39.95
CA THR A 508 -4.88 5.91 -40.23
C THR A 508 -5.46 6.89 -39.20
N ALA A 509 -6.41 6.41 -38.40
CA ALA A 509 -7.05 7.22 -37.36
C ALA A 509 -6.25 7.29 -36.06
N LYS A 510 -5.40 6.31 -35.83
CA LYS A 510 -4.60 6.22 -34.60
C LYS A 510 -3.13 6.61 -34.73
N LYS A 511 -2.77 7.31 -35.80
CA LYS A 511 -1.37 7.71 -36.03
C LYS A 511 -0.83 8.75 -35.04
N LEU A 512 0.46 8.65 -34.72
CA LEU A 512 1.13 9.57 -33.80
C LEU A 512 1.42 10.92 -34.46
N ARG A 513 0.39 11.59 -34.94
CA ARG A 513 0.56 12.87 -35.62
C ARG A 513 1.13 13.94 -34.69
N GLY A 514 0.82 13.83 -33.40
CA GLY A 514 1.30 14.80 -32.43
C GLY A 514 2.81 14.80 -32.28
N GLY A 515 3.44 13.67 -32.63
CA GLY A 515 4.88 13.58 -32.56
C GLY A 515 5.45 12.97 -31.29
N VAL A 516 6.78 13.01 -31.18
CA VAL A 516 7.51 12.45 -30.06
C VAL A 516 8.42 13.44 -29.35
N VAL A 517 8.40 13.37 -28.02
CA VAL A 517 9.24 14.22 -27.18
C VAL A 517 10.05 13.25 -26.32
N PHE A 518 11.35 13.21 -26.56
CA PHE A 518 12.25 12.35 -25.81
C PHE A 518 12.49 12.88 -24.41
N VAL A 519 12.10 12.08 -23.42
CA VAL A 519 12.28 12.43 -22.02
C VAL A 519 13.13 11.33 -21.37
N ASP A 520 13.73 11.64 -20.23
CA ASP A 520 14.55 10.66 -19.53
C ASP A 520 13.67 9.86 -18.55
N GLU A 521 12.47 10.38 -18.28
CA GLU A 521 11.55 9.71 -17.38
C GLU A 521 10.10 10.15 -17.63
N VAL A 522 9.21 9.19 -17.81
CA VAL A 522 7.78 9.46 -18.04
C VAL A 522 7.15 9.78 -16.70
N PRO A 523 6.53 10.98 -16.58
CA PRO A 523 5.89 11.40 -15.34
C PRO A 523 4.83 10.43 -14.83
N LYS A 524 5.02 9.98 -13.59
CA LYS A 524 4.11 9.05 -12.93
C LYS A 524 3.44 9.76 -11.77
N GLY A 525 2.32 9.20 -11.31
CA GLY A 525 1.60 9.76 -10.19
C GLY A 525 1.77 8.87 -8.98
N LEU A 526 1.40 9.39 -7.82
CA LEU A 526 1.51 8.64 -6.56
C LEU A 526 0.77 7.30 -6.61
N THR A 527 -0.28 7.23 -7.42
CA THR A 527 -1.07 6.01 -7.57
C THR A 527 -0.19 4.91 -8.12
N GLY A 528 0.77 5.31 -8.95
CA GLY A 528 1.67 4.37 -9.60
C GLY A 528 1.23 4.24 -11.04
N LYS A 529 0.49 5.25 -11.51
CA LYS A 529 -0.04 5.28 -12.86
C LYS A 529 0.53 6.52 -13.55
N LEU A 530 0.54 6.49 -14.89
CA LEU A 530 1.06 7.59 -15.68
C LEU A 530 0.27 8.87 -15.44
N ASP A 531 0.96 10.01 -15.50
CA ASP A 531 0.33 11.30 -15.29
C ASP A 531 0.09 12.01 -16.62
N ALA A 532 -1.12 11.83 -17.15
CA ALA A 532 -1.52 12.43 -18.42
C ALA A 532 -1.34 13.96 -18.48
N ARG A 533 -1.63 14.64 -17.37
CA ARG A 533 -1.51 16.10 -17.32
C ARG A 533 -0.08 16.59 -17.51
N LYS A 534 0.88 15.93 -16.87
CA LYS A 534 2.28 16.33 -17.01
C LYS A 534 2.81 15.99 -18.40
N ILE A 535 2.40 14.85 -18.94
CA ILE A 535 2.81 14.43 -20.28
C ILE A 535 2.33 15.49 -21.28
N ARG A 536 1.08 15.91 -21.11
CA ARG A 536 0.47 16.93 -21.96
C ARG A 536 1.29 18.21 -21.89
N GLU A 537 1.66 18.60 -20.66
CA GLU A 537 2.45 19.81 -20.42
C GLU A 537 3.80 19.77 -21.16
N ILE A 538 4.50 18.63 -21.05
CA ILE A 538 5.79 18.46 -21.71
C ILE A 538 5.65 18.59 -23.23
N LEU A 539 4.63 17.93 -23.78
CA LEU A 539 4.34 17.96 -25.21
C LEU A 539 4.06 19.37 -25.71
N ILE A 540 3.30 20.13 -24.93
CA ILE A 540 2.95 21.50 -25.29
C ILE A 540 4.17 22.41 -25.24
N LYS A 541 4.87 22.40 -24.12
CA LYS A 541 6.05 23.24 -23.94
C LYS A 541 7.10 22.98 -25.04
N ALA A 542 7.21 21.73 -25.48
CA ALA A 542 8.17 21.36 -26.49
C ALA A 542 7.76 21.78 -27.91
N LYS A 543 6.48 21.65 -28.23
CA LYS A 543 5.99 22.01 -29.54
C LYS A 543 5.74 23.51 -29.70
N LYS A 544 6.84 24.28 -29.71
CA LYS A 544 6.80 25.74 -29.85
C LYS A 544 5.72 26.39 -28.99
#